data_8ZEL
#
_entry.id   8ZEL
#
_cell.length_a   78.777
_cell.length_b   112.894
_cell.length_c   123.255
_cell.angle_alpha   90.000
_cell.angle_beta   90.000
_cell.angle_gamma   90.000
#
_symmetry.space_group_name_H-M   'I 2 2 2'
#
loop_
_entity.id
_entity.type
_entity.pdbx_description
1 polymer 'Xaa-Arg dipeptidase'
2 non-polymer 'ZINC ION'
3 non-polymer L-ornithine
4 non-polymer 2-AMINO-2-HYDROXYMETHYL-PROPANE-1,3-DIOL
5 non-polymer 'ACETIC ACID'
6 water water
#
_entity_poly.entity_id   1
_entity_poly.type   'polypeptide(L)'
_entity_poly.pdbx_seq_one_letter_code
;MASWSHPQFEGGSSHHHHHHSSGSGGGGGENLYFQGSLELLKLRSAECIDEAAERLGALSRAIWSQPELAYEEHHAHRVL
THFFEREPPAASWAVQPHYQLPTAFRAEWEPPEARAPSATPRPLHLGFLCEYDALPGIGHACGHNLIAEVGAAAALGVRG
ALEGLPRPPPPVKVVVLGTPAEEDGGGKIDLIEAGAFTNLDVVFMAHPSQENAAYLPDMAEHDVTVKYYGKASHSASYPW
EGLNALDAAVLAYNNLSVFRQQMKPTWRVHGIIKNGGVKPNIIPSYSELIYYFRAPSMKELQVLTKKAEDCFRAAALASG
CTVEIKGGAHDFYNVLPNKSLWKAYMENGRKLGIEFISEDTMLNGPSGSTDFGNVSFVVPGIHPYFHIGSNALNHTEQYT
EAAGSQEAQFYTLRTAKALAMTALDVIFKPELLEGIREDFKLKLQEEQFVNAVE
;
_entity_poly.pdbx_strand_id   A
#
loop_
_chem_comp.id
_chem_comp.type
_chem_comp.name
_chem_comp.formula
ACY non-polymer 'ACETIC ACID' 'C2 H4 O2'
TRS non-polymer 2-AMINO-2-HYDROXYMETHYL-PROPANE-1,3-DIOL 'C4 H12 N O3 1'
ZN non-polymer 'ZINC ION' 'Zn 2'
#
# COMPACT_ATOMS: atom_id res chain seq x y z
N LEU A 32 -30.70 11.16 13.00
CA LEU A 32 -30.92 11.78 14.29
C LEU A 32 -31.36 10.76 15.33
N TYR A 33 -32.43 11.11 16.05
CA TYR A 33 -33.05 10.24 17.04
C TYR A 33 -34.15 9.35 16.45
N PHE A 34 -34.01 8.97 15.18
CA PHE A 34 -35.02 8.17 14.50
C PHE A 34 -34.60 6.71 14.50
N GLN A 35 -35.53 5.83 14.85
CA GLN A 35 -35.25 4.41 14.99
C GLN A 35 -34.74 3.82 13.67
N GLY A 36 -33.45 3.51 13.61
CA GLY A 36 -32.86 2.92 12.44
C GLY A 36 -32.23 3.88 11.45
N SER A 37 -31.95 5.11 11.87
CA SER A 37 -31.35 6.09 10.97
C SER A 37 -29.89 5.74 10.70
N LEU A 38 -29.31 6.43 9.73
CA LEU A 38 -27.91 6.21 9.38
C LEU A 38 -26.99 6.68 10.51
N GLU A 39 -27.35 7.78 11.17
CA GLU A 39 -26.55 8.27 12.29
C GLU A 39 -26.44 7.22 13.39
N LEU A 40 -27.55 6.57 13.74
CA LEU A 40 -27.51 5.53 14.75
C LEU A 40 -26.71 4.33 14.29
N LEU A 41 -26.77 4.01 13.00
CA LEU A 41 -25.95 2.94 12.45
C LEU A 41 -24.48 3.27 12.58
N LYS A 42 -24.12 4.52 12.29
CA LYS A 42 -22.72 4.95 12.43
C LYS A 42 -22.27 4.92 13.88
N LEU A 43 -23.16 5.28 14.80
CA LEU A 43 -22.84 5.18 16.22
C LEU A 43 -22.59 3.73 16.61
N ARG A 44 -23.42 2.81 16.11
CA ARG A 44 -23.27 1.41 16.46
C ARG A 44 -21.92 0.86 16.00
N SER A 45 -21.49 1.23 14.79
CA SER A 45 -20.19 0.79 14.31
C SER A 45 -19.07 1.32 15.19
N ALA A 46 -19.21 2.57 15.66
CA ALA A 46 -18.20 3.12 16.56
C ALA A 46 -18.19 2.39 17.90
N GLU A 47 -19.38 2.06 18.42
CA GLU A 47 -19.45 1.31 19.67
C GLU A 47 -18.95 -0.11 19.49
N CYS A 48 -19.20 -0.72 18.32
N CYS A 48 -19.20 -0.72 18.32
CA CYS A 48 -18.69 -2.06 18.07
CA CYS A 48 -18.69 -2.06 18.05
C CYS A 48 -17.17 -2.07 18.03
C CYS A 48 -17.18 -2.07 18.03
N ILE A 49 -16.57 -1.00 17.50
CA ILE A 49 -15.11 -0.90 17.47
C ILE A 49 -14.57 -0.69 18.88
N ASP A 50 -15.25 0.12 19.69
CA ASP A 50 -14.81 0.32 21.06
C ASP A 50 -14.84 -0.98 21.85
N GLU A 51 -15.90 -1.77 21.68
CA GLU A 51 -16.02 -3.03 22.42
C GLU A 51 -14.92 -4.02 22.04
N ALA A 52 -14.39 -3.89 20.82
CA ALA A 52 -13.34 -4.78 20.35
C ALA A 52 -11.95 -4.18 20.51
N ALA A 53 -11.82 -3.09 21.26
CA ALA A 53 -10.54 -2.38 21.37
C ALA A 53 -9.45 -3.28 21.95
N GLU A 54 -9.81 -4.11 22.93
CA GLU A 54 -8.81 -4.94 23.59
C GLU A 54 -8.22 -5.96 22.62
N ARG A 55 -9.07 -6.76 21.97
CA ARG A 55 -8.56 -7.79 21.07
C ARG A 55 -7.98 -7.20 19.80
N LEU A 56 -8.42 -6.00 19.40
CA LEU A 56 -7.80 -5.35 18.25
C LEU A 56 -6.42 -4.84 18.61
N GLY A 57 -6.24 -4.37 19.85
CA GLY A 57 -4.92 -3.99 20.31
C GLY A 57 -3.98 -5.18 20.40
N ALA A 58 -4.47 -6.30 20.92
CA ALA A 58 -3.67 -7.52 20.94
C ALA A 58 -3.29 -7.95 19.53
N LEU A 59 -4.21 -7.80 18.57
CA LEU A 59 -3.89 -8.07 17.18
C LEU A 59 -2.73 -7.22 16.70
N SER A 60 -2.77 -5.92 17.01
CA SER A 60 -1.68 -5.01 16.63
C SER A 60 -0.36 -5.44 17.27
N ARG A 61 -0.40 -5.73 18.58
CA ARG A 61 0.85 -6.07 19.28
C ARG A 61 1.44 -7.37 18.75
N ALA A 62 0.60 -8.34 18.38
CA ALA A 62 1.09 -9.62 17.89
C ALA A 62 1.89 -9.43 16.59
N ILE A 63 1.43 -8.55 15.72
CA ILE A 63 2.17 -8.28 14.49
C ILE A 63 3.36 -7.36 14.76
N TRP A 64 3.17 -6.35 15.62
CA TRP A 64 4.23 -5.40 15.90
C TRP A 64 5.42 -6.07 16.59
N SER A 65 5.16 -6.96 17.55
CA SER A 65 6.22 -7.58 18.32
C SER A 65 6.98 -8.65 17.54
N GLN A 66 6.44 -9.12 16.42
CA GLN A 66 7.08 -10.16 15.61
C GLN A 66 7.21 -9.68 14.17
N PRO A 67 8.09 -8.72 13.91
CA PRO A 67 8.18 -8.14 12.56
C PRO A 67 8.66 -9.15 11.55
N GLU A 68 7.96 -9.21 10.40
CA GLU A 68 8.29 -10.12 9.32
C GLU A 68 8.36 -9.33 8.01
N LEU A 69 9.25 -9.75 7.12
CA LEU A 69 9.48 -9.06 5.87
C LEU A 69 8.53 -9.56 4.78
N ALA A 70 8.60 -8.89 3.63
CA ALA A 70 7.74 -9.19 2.49
C ALA A 70 7.75 -10.68 2.17
N TYR A 71 6.55 -11.24 1.96
CA TYR A 71 6.32 -12.64 1.60
C TYR A 71 6.76 -13.61 2.68
N GLU A 72 7.25 -13.10 3.82
CA GLU A 72 7.67 -13.96 4.93
C GLU A 72 6.81 -13.75 6.17
N GLU A 73 5.61 -13.21 6.00
CA GLU A 73 4.73 -12.87 7.13
C GLU A 73 3.87 -14.06 7.53
N HIS A 74 4.54 -15.15 7.89
CA HIS A 74 3.82 -16.37 8.27
C HIS A 74 3.15 -16.22 9.62
N HIS A 75 3.83 -15.58 10.59
CA HIS A 75 3.20 -15.35 11.87
C HIS A 75 2.01 -14.41 11.75
N ALA A 76 2.20 -13.27 11.07
CA ALA A 76 1.11 -12.31 10.90
C ALA A 76 -0.08 -12.94 10.20
N HIS A 77 0.18 -13.78 9.18
CA HIS A 77 -0.90 -14.48 8.51
C HIS A 77 -1.66 -15.40 9.48
N ARG A 78 -0.92 -16.11 10.33
CA ARG A 78 -1.56 -16.98 11.32
C ARG A 78 -2.38 -16.18 12.32
N VAL A 79 -1.88 -15.03 12.77
CA VAL A 79 -2.60 -14.22 13.73
C VAL A 79 -3.89 -13.67 13.14
N LEU A 80 -3.83 -13.21 11.89
CA LEU A 80 -5.00 -12.54 11.30
C LEU A 80 -6.08 -13.53 10.90
N THR A 81 -5.70 -14.69 10.37
CA THR A 81 -6.72 -15.69 10.06
C THR A 81 -7.38 -16.21 11.32
N HIS A 82 -6.59 -16.46 12.38
CA HIS A 82 -7.15 -16.87 13.66
C HIS A 82 -8.10 -15.82 14.20
N PHE A 83 -7.78 -14.54 13.99
CA PHE A 83 -8.63 -13.46 14.50
C PHE A 83 -10.04 -13.55 13.91
N PHE A 84 -10.14 -13.64 12.58
CA PHE A 84 -11.45 -13.67 11.95
C PHE A 84 -12.15 -15.01 12.17
N GLU A 85 -11.39 -16.10 12.28
CA GLU A 85 -11.99 -17.39 12.59
C GLU A 85 -12.61 -17.39 13.98
N ARG A 86 -12.05 -16.63 14.90
CA ARG A 86 -12.50 -16.62 16.29
C ARG A 86 -13.59 -15.59 16.57
N GLU A 87 -13.83 -14.66 15.66
CA GLU A 87 -14.90 -13.69 15.86
C GLU A 87 -16.22 -14.43 16.02
N PRO A 88 -17.03 -14.08 17.03
CA PRO A 88 -18.25 -14.83 17.30
C PRO A 88 -19.37 -14.42 16.35
N PRO A 89 -20.24 -15.35 15.95
CA PRO A 89 -20.18 -16.80 16.22
C PRO A 89 -19.04 -17.43 15.43
N ALA A 90 -18.43 -18.50 15.94
CA ALA A 90 -17.31 -19.12 15.23
C ALA A 90 -17.73 -19.48 13.81
N ALA A 91 -16.81 -19.23 12.87
CA ALA A 91 -17.00 -19.43 11.43
C ALA A 91 -18.04 -18.50 10.82
N SER A 92 -18.47 -17.46 11.54
CA SER A 92 -19.34 -16.46 10.92
C SER A 92 -18.60 -15.68 9.84
N TRP A 93 -17.29 -15.49 10.01
CA TRP A 93 -16.43 -15.00 8.94
C TRP A 93 -15.95 -16.19 8.12
N ALA A 94 -16.18 -16.16 6.82
CA ALA A 94 -15.65 -17.18 5.92
C ALA A 94 -14.19 -16.84 5.63
N VAL A 95 -13.27 -17.65 6.14
CA VAL A 95 -11.84 -17.34 6.12
C VAL A 95 -11.13 -18.31 5.17
N GLN A 96 -10.40 -17.75 4.21
CA GLN A 96 -9.57 -18.54 3.31
C GLN A 96 -8.10 -18.24 3.58
N PRO A 97 -7.40 -19.06 4.36
CA PRO A 97 -5.96 -18.84 4.56
C PRO A 97 -5.19 -19.23 3.31
N HIS A 98 -3.97 -18.69 3.21
CA HIS A 98 -3.10 -18.95 2.07
C HIS A 98 -3.80 -18.62 0.76
N TYR A 99 -4.52 -17.49 0.76
CA TYR A 99 -5.28 -17.07 -0.40
C TYR A 99 -4.32 -16.59 -1.49
N GLN A 100 -4.05 -17.49 -2.45
CA GLN A 100 -3.15 -17.25 -3.58
C GLN A 100 -1.70 -17.08 -3.15
N LEU A 101 -1.42 -16.15 -2.26
CA LEU A 101 -0.07 -16.14 -1.72
C LEU A 101 -0.04 -16.88 -0.39
N PRO A 102 1.12 -17.45 -0.01
CA PRO A 102 1.17 -18.21 1.24
C PRO A 102 0.82 -17.41 2.48
N THR A 103 1.14 -16.11 2.51
CA THR A 103 0.86 -15.27 3.67
C THR A 103 -0.34 -14.34 3.45
N ALA A 104 -1.03 -14.47 2.32
CA ALA A 104 -2.24 -13.70 2.09
C ALA A 104 -3.46 -14.49 2.56
N PHE A 105 -4.53 -13.75 2.84
CA PHE A 105 -5.78 -14.38 3.28
C PHE A 105 -6.96 -13.55 2.81
N ARG A 106 -8.13 -14.17 2.86
CA ARG A 106 -9.38 -13.50 2.53
C ARG A 106 -10.43 -13.90 3.55
N ALA A 107 -11.17 -12.92 4.05
CA ALA A 107 -12.24 -13.15 5.00
C ALA A 107 -13.49 -12.41 4.55
N GLU A 108 -14.65 -13.07 4.62
CA GLU A 108 -15.88 -12.53 4.08
C GLU A 108 -17.03 -12.77 5.05
N TRP A 109 -17.87 -11.75 5.20
CA TRP A 109 -19.11 -11.84 5.95
C TRP A 109 -20.21 -11.12 5.18
N GLU A 110 -21.43 -11.61 5.32
CA GLU A 110 -22.61 -10.96 4.76
C GLU A 110 -23.79 -11.26 5.66
N PRO A 111 -24.81 -10.41 5.66
CA PRO A 111 -26.00 -10.67 6.47
C PRO A 111 -26.67 -11.98 6.07
N PRO A 112 -27.07 -12.80 7.04
CA PRO A 112 -27.69 -14.10 6.72
C PRO A 112 -29.02 -14.03 5.99
N GLU A 113 -29.49 -12.84 5.64
CA GLU A 113 -30.71 -12.72 4.85
C GLU A 113 -30.44 -13.09 3.39
N ALA A 114 -31.53 -13.21 2.62
CA ALA A 114 -31.39 -13.57 1.21
C ALA A 114 -32.44 -12.92 0.30
N ARG A 115 -33.34 -12.10 0.82
CA ARG A 115 -34.39 -11.45 0.02
C ARG A 115 -35.22 -12.46 -0.78
N ARG A 122 -27.60 -7.11 -7.41
CA ARG A 122 -26.30 -7.61 -6.98
C ARG A 122 -25.90 -7.02 -5.63
N PRO A 123 -25.36 -7.86 -4.74
CA PRO A 123 -24.90 -7.36 -3.45
C PRO A 123 -23.69 -6.47 -3.60
N LEU A 124 -23.67 -5.38 -2.84
CA LEU A 124 -22.53 -4.48 -2.81
C LEU A 124 -21.35 -5.19 -2.16
N HIS A 125 -20.18 -5.13 -2.80
CA HIS A 125 -18.95 -5.73 -2.30
C HIS A 125 -18.04 -4.63 -1.76
N LEU A 126 -17.80 -4.64 -0.45
CA LEU A 126 -16.97 -3.64 0.21
C LEU A 126 -15.71 -4.33 0.73
N GLY A 127 -14.55 -3.85 0.28
CA GLY A 127 -13.27 -4.45 0.62
C GLY A 127 -12.50 -3.62 1.63
N PHE A 128 -11.81 -4.31 2.53
CA PHE A 128 -10.94 -3.70 3.52
C PHE A 128 -9.61 -4.44 3.50
N LEU A 129 -8.52 -3.68 3.38
CA LEU A 129 -7.19 -4.27 3.19
C LEU A 129 -6.39 -4.22 4.49
N CYS A 130 -5.69 -5.32 4.77
CA CYS A 130 -4.76 -5.40 5.88
C CYS A 130 -3.35 -5.59 5.34
N GLU A 131 -2.44 -4.71 5.74
CA GLU A 131 -1.02 -4.86 5.48
C GLU A 131 -0.33 -5.28 6.77
N TYR A 132 0.82 -5.96 6.63
CA TYR A 132 1.49 -6.44 7.85
C TYR A 132 2.95 -6.82 7.63
N ASP A 133 3.61 -6.36 6.57
CA ASP A 133 5.04 -6.62 6.41
C ASP A 133 5.84 -5.46 6.99
N ALA A 134 6.96 -5.79 7.62
CA ALA A 134 7.79 -4.81 8.29
C ALA A 134 8.94 -4.39 7.39
N LEU A 135 9.92 -3.68 7.96
CA LEU A 135 11.10 -3.27 7.23
C LEU A 135 12.34 -3.90 7.82
N PRO A 136 13.36 -4.21 7.01
CA PRO A 136 14.53 -4.92 7.52
C PRO A 136 15.28 -4.09 8.56
N GLY A 137 15.67 -4.75 9.65
CA GLY A 137 16.46 -4.15 10.72
C GLY A 137 15.72 -3.30 11.75
N ILE A 138 14.77 -2.50 11.32
CA ILE A 138 14.12 -1.50 12.17
C ILE A 138 12.66 -1.86 12.48
N GLY A 139 12.21 -3.04 12.06
CA GLY A 139 10.90 -3.50 12.45
C GLY A 139 9.78 -2.75 11.73
N HIS A 140 8.66 -2.60 12.42
CA HIS A 140 7.45 -2.00 11.84
C HIS A 140 7.51 -0.47 11.88
N ALA A 141 8.51 0.06 11.17
CA ALA A 141 8.76 1.49 11.12
C ALA A 141 7.83 2.24 10.19
N CYS A 142 6.89 1.55 9.55
CA CYS A 142 5.87 2.22 8.76
C CYS A 142 4.49 2.04 9.38
N GLY A 143 4.43 1.44 10.58
CA GLY A 143 3.18 1.26 11.28
C GLY A 143 2.22 0.30 10.61
N HIS A 144 2.74 -0.72 9.91
CA HIS A 144 1.88 -1.62 9.18
C HIS A 144 1.07 -2.52 10.09
N ASN A 145 1.57 -2.78 11.31
CA ASN A 145 0.75 -3.46 12.31
C ASN A 145 -0.54 -2.70 12.57
N LEU A 146 -0.52 -1.36 12.48
CA LEU A 146 -1.74 -0.60 12.66
C LEU A 146 -2.63 -0.66 11.43
N ILE A 147 -2.05 -0.82 10.24
CA ILE A 147 -2.83 -0.97 9.03
C ILE A 147 -3.67 -2.24 9.08
N ALA A 148 -3.05 -3.35 9.49
CA ALA A 148 -3.80 -4.59 9.72
C ALA A 148 -4.91 -4.38 10.73
N GLU A 149 -4.61 -3.68 11.83
CA GLU A 149 -5.61 -3.42 12.85
C GLU A 149 -6.74 -2.55 12.32
N VAL A 150 -6.39 -1.48 11.60
CA VAL A 150 -7.39 -0.52 11.17
C VAL A 150 -8.31 -1.12 10.10
N GLY A 151 -7.78 -2.03 9.27
CA GLY A 151 -8.62 -2.70 8.30
C GLY A 151 -9.55 -3.71 8.94
N ALA A 152 -9.04 -4.45 9.93
CA ALA A 152 -9.88 -5.42 10.63
C ALA A 152 -10.92 -4.72 11.49
N ALA A 153 -10.56 -3.58 12.10
CA ALA A 153 -11.52 -2.87 12.93
C ALA A 153 -12.67 -2.30 12.12
N ALA A 154 -12.35 -1.69 10.97
CA ALA A 154 -13.40 -1.15 10.11
C ALA A 154 -14.36 -2.24 9.65
N ALA A 155 -13.83 -3.41 9.30
CA ALA A 155 -14.70 -4.51 8.88
C ALA A 155 -15.59 -4.98 10.02
N LEU A 156 -15.02 -5.12 11.22
CA LEU A 156 -15.81 -5.48 12.39
C LEU A 156 -16.89 -4.44 12.65
N GLY A 157 -16.56 -3.15 12.51
CA GLY A 157 -17.53 -2.11 12.77
C GLY A 157 -18.69 -2.15 11.80
N VAL A 158 -18.41 -2.42 10.52
CA VAL A 158 -19.48 -2.47 9.53
C VAL A 158 -20.41 -3.65 9.81
N ARG A 159 -19.84 -4.83 10.05
CA ARG A 159 -20.67 -5.98 10.34
C ARG A 159 -21.52 -5.76 11.59
N GLY A 160 -20.90 -5.25 12.66
CA GLY A 160 -21.64 -5.01 13.88
C GLY A 160 -22.79 -4.03 13.69
N ALA A 161 -22.57 -2.99 12.89
CA ALA A 161 -23.64 -2.05 12.60
C ALA A 161 -24.78 -2.72 11.85
N LEU A 162 -24.46 -3.52 10.84
CA LEU A 162 -25.51 -4.15 10.04
C LEU A 162 -26.21 -5.27 10.81
N GLU A 163 -25.56 -5.87 11.81
CA GLU A 163 -26.22 -6.89 12.62
C GLU A 163 -27.32 -6.29 13.49
N GLY A 164 -27.17 -5.05 13.90
CA GLY A 164 -28.17 -4.37 14.69
C GLY A 164 -29.38 -3.90 13.93
N LEU A 165 -29.39 -4.07 12.61
CA LEU A 165 -30.53 -3.64 11.80
C LEU A 165 -31.71 -4.56 12.03
N PRO A 166 -32.85 -4.06 12.53
CA PRO A 166 -34.01 -4.92 12.73
C PRO A 166 -34.54 -5.48 11.43
N ARG A 167 -35.04 -4.60 10.56
CA ARG A 167 -35.43 -5.01 9.22
C ARG A 167 -34.23 -5.62 8.50
N PRO A 168 -34.47 -6.52 7.55
CA PRO A 168 -33.36 -7.13 6.81
C PRO A 168 -32.47 -6.07 6.19
N PRO A 169 -31.15 -6.20 6.36
CA PRO A 169 -30.24 -5.18 5.84
C PRO A 169 -30.04 -5.33 4.34
N PRO A 170 -29.63 -4.27 3.65
CA PRO A 170 -29.39 -4.37 2.22
C PRO A 170 -28.34 -5.41 1.92
N PRO A 171 -28.37 -6.01 0.74
CA PRO A 171 -27.38 -7.05 0.40
C PRO A 171 -26.00 -6.43 0.24
N VAL A 172 -25.08 -6.87 1.08
CA VAL A 172 -23.72 -6.34 1.08
C VAL A 172 -22.78 -7.45 1.55
N LYS A 173 -21.62 -7.54 0.92
CA LYS A 173 -20.57 -8.47 1.34
C LYS A 173 -19.40 -7.66 1.85
N VAL A 174 -18.97 -7.94 3.08
CA VAL A 174 -17.80 -7.32 3.67
C VAL A 174 -16.62 -8.24 3.41
N VAL A 175 -15.67 -7.78 2.60
CA VAL A 175 -14.50 -8.57 2.21
C VAL A 175 -13.26 -7.97 2.86
N VAL A 176 -12.51 -8.80 3.57
CA VAL A 176 -11.20 -8.42 4.12
C VAL A 176 -10.13 -9.17 3.34
N LEU A 177 -9.14 -8.44 2.84
CA LEU A 177 -8.04 -9.01 2.09
C LEU A 177 -6.73 -8.70 2.80
N GLY A 178 -6.05 -9.75 3.27
CA GLY A 178 -4.70 -9.59 3.74
C GLY A 178 -3.75 -9.48 2.57
N THR A 179 -3.10 -8.33 2.43
CA THR A 179 -2.22 -8.09 1.29
C THR A 179 -0.78 -8.01 1.77
N PRO A 180 -0.01 -9.09 1.66
CA PRO A 180 1.38 -9.07 2.13
C PRO A 180 2.27 -8.26 1.20
N ALA A 181 3.51 -8.06 1.64
CA ALA A 181 4.60 -7.58 0.80
C ALA A 181 4.27 -6.25 0.14
N GLU A 182 3.94 -5.26 0.98
CA GLU A 182 3.75 -3.91 0.46
C GLU A 182 5.07 -3.20 0.24
N GLU A 183 6.04 -3.41 1.14
CA GLU A 183 7.30 -2.67 1.03
C GLU A 183 8.21 -3.22 -0.06
N ASP A 184 8.01 -4.45 -0.49
CA ASP A 184 8.82 -5.01 -1.57
C ASP A 184 8.03 -6.08 -2.29
N GLY A 185 7.95 -5.97 -3.62
CA GLY A 185 7.20 -6.93 -4.41
C GLY A 185 5.86 -6.38 -4.86
N GLY A 186 4.96 -6.11 -3.91
CA GLY A 186 3.63 -5.61 -4.23
C GLY A 186 2.58 -6.70 -4.22
N GLY A 187 2.26 -7.21 -3.03
CA GLY A 187 1.31 -8.31 -2.91
C GLY A 187 -0.06 -7.98 -3.45
N LYS A 188 -0.48 -6.73 -3.37
CA LYS A 188 -1.76 -6.34 -3.97
C LYS A 188 -1.76 -6.62 -5.46
N ILE A 189 -0.62 -6.41 -6.12
CA ILE A 189 -0.52 -6.65 -7.56
C ILE A 189 -0.61 -8.14 -7.86
N ASP A 190 0.08 -8.98 -7.08
CA ASP A 190 -0.10 -10.41 -7.21
C ASP A 190 -1.56 -10.80 -7.02
N LEU A 191 -2.24 -10.16 -6.07
CA LEU A 191 -3.66 -10.45 -5.86
C LEU A 191 -4.51 -9.92 -7.01
N ILE A 192 -4.16 -8.75 -7.55
CA ILE A 192 -4.84 -8.26 -8.75
C ILE A 192 -4.67 -9.25 -9.89
N GLU A 193 -3.47 -9.81 -10.04
CA GLU A 193 -3.21 -10.74 -11.13
C GLU A 193 -4.04 -12.00 -10.99
N ALA A 194 -4.42 -12.36 -9.78
CA ALA A 194 -5.29 -13.49 -9.55
C ALA A 194 -6.77 -13.11 -9.57
N GLY A 195 -7.08 -11.86 -9.92
CA GLY A 195 -8.46 -11.43 -10.03
C GLY A 195 -9.15 -11.15 -8.71
N ALA A 196 -8.39 -10.97 -7.63
CA ALA A 196 -9.00 -10.84 -6.30
C ALA A 196 -9.80 -9.54 -6.14
N PHE A 197 -9.58 -8.55 -7.00
CA PHE A 197 -10.24 -7.25 -6.87
C PHE A 197 -11.32 -7.03 -7.93
N THR A 198 -11.57 -7.99 -8.81
CA THR A 198 -12.44 -7.74 -9.95
C THR A 198 -13.91 -7.65 -9.55
N ASN A 199 -14.27 -8.13 -8.36
CA ASN A 199 -15.66 -8.13 -7.90
C ASN A 199 -15.91 -7.13 -6.77
N LEU A 200 -14.92 -6.31 -6.42
CA LEU A 200 -15.10 -5.30 -5.38
C LEU A 200 -15.68 -4.02 -5.98
N ASP A 201 -16.60 -3.40 -5.25
CA ASP A 201 -17.16 -2.12 -5.70
C ASP A 201 -16.43 -0.93 -5.10
N VAL A 202 -16.03 -1.03 -3.84
CA VAL A 202 -15.24 -0.01 -3.15
C VAL A 202 -14.25 -0.74 -2.25
N VAL A 203 -13.08 -0.14 -2.06
CA VAL A 203 -12.04 -0.70 -1.20
C VAL A 203 -11.55 0.38 -0.23
N PHE A 204 -11.34 -0.02 1.02
CA PHE A 204 -10.92 0.88 2.10
C PHE A 204 -9.64 0.36 2.75
N MET A 205 -8.78 1.29 3.13
CA MET A 205 -7.66 1.01 4.03
C MET A 205 -7.12 2.35 4.51
N ALA A 206 -6.29 2.30 5.54
CA ALA A 206 -5.73 3.52 6.11
C ALA A 206 -4.27 3.28 6.49
N HIS A 207 -3.48 4.36 6.48
CA HIS A 207 -2.05 4.27 6.67
C HIS A 207 -1.60 5.30 7.69
N PRO A 208 -0.91 4.91 8.76
CA PRO A 208 -0.44 5.90 9.74
C PRO A 208 0.74 6.71 9.20
N SER A 209 0.70 8.02 9.46
CA SER A 209 1.81 8.91 9.12
C SER A 209 1.88 10.07 10.12
N GLN A 210 2.27 11.26 9.67
CA GLN A 210 2.45 12.38 10.58
C GLN A 210 1.23 13.30 10.64
N GLU A 211 0.37 13.29 9.64
CA GLU A 211 -0.78 14.18 9.60
C GLU A 211 -2.00 13.43 9.09
N ASN A 212 -3.18 13.98 9.35
CA ASN A 212 -4.44 13.40 8.92
C ASN A 212 -4.83 13.98 7.56
N ALA A 213 -4.98 13.10 6.57
CA ALA A 213 -5.40 13.51 5.24
C ALA A 213 -6.21 12.38 4.61
N ALA A 214 -7.33 12.74 3.98
CA ALA A 214 -8.16 11.73 3.33
C ALA A 214 -7.54 11.21 2.04
N TYR A 215 -6.56 11.92 1.49
CA TYR A 215 -5.83 11.47 0.31
C TYR A 215 -4.51 12.21 0.26
N LEU A 216 -3.45 11.49 -0.13
CA LEU A 216 -2.13 12.09 -0.33
C LEU A 216 -1.57 11.64 -1.67
N PRO A 217 -0.80 12.51 -2.33
CA PRO A 217 -0.25 12.15 -3.65
C PRO A 217 0.83 11.09 -3.60
N ASP A 218 0.45 9.84 -3.85
CA ASP A 218 1.41 8.75 -4.00
C ASP A 218 1.74 8.57 -5.47
N MET A 219 3.02 8.36 -5.76
CA MET A 219 3.55 8.42 -7.11
C MET A 219 3.67 7.02 -7.71
N ALA A 220 3.74 6.99 -9.05
CA ALA A 220 4.03 5.75 -9.75
C ALA A 220 5.52 5.45 -9.64
N GLU A 221 5.86 4.17 -9.64
CA GLU A 221 7.23 3.75 -9.44
C GLU A 221 7.62 2.64 -10.41
N HIS A 222 8.83 2.74 -10.95
CA HIS A 222 9.44 1.70 -11.77
C HIS A 222 10.83 1.40 -11.23
N ASP A 223 11.10 0.13 -10.95
CA ASP A 223 12.39 -0.30 -10.43
C ASP A 223 13.19 -0.98 -11.52
N VAL A 224 14.51 -0.88 -11.42
CA VAL A 224 15.39 -1.40 -12.46
C VAL A 224 16.73 -1.80 -11.85
N THR A 225 17.28 -2.90 -12.33
CA THR A 225 18.65 -3.31 -12.06
C THR A 225 19.43 -3.25 -13.36
N VAL A 226 20.57 -2.56 -13.34
CA VAL A 226 21.39 -2.36 -14.54
C VAL A 226 22.71 -3.10 -14.34
N LYS A 227 23.00 -4.01 -15.25
CA LYS A 227 24.24 -4.78 -15.25
C LYS A 227 25.02 -4.45 -16.51
N TYR A 228 26.29 -4.09 -16.33
CA TYR A 228 27.20 -3.83 -17.44
C TYR A 228 28.20 -4.98 -17.54
N TYR A 229 28.49 -5.40 -18.77
CA TYR A 229 29.43 -6.48 -19.03
C TYR A 229 30.55 -5.96 -19.91
N GLY A 230 31.77 -5.96 -19.37
CA GLY A 230 32.93 -5.50 -20.12
C GLY A 230 33.88 -6.62 -20.46
N LYS A 231 35.18 -6.32 -20.51
CA LYS A 231 36.20 -7.32 -20.82
C LYS A 231 37.35 -7.14 -19.85
N ALA A 232 37.62 -8.19 -19.07
CA ALA A 232 38.66 -8.10 -18.04
C ALA A 232 40.03 -7.99 -18.69
N SER A 233 40.95 -7.34 -17.97
CA SER A 233 42.33 -7.21 -18.41
C SER A 233 43.18 -6.85 -17.19
N HIS A 234 44.44 -7.26 -17.23
CA HIS A 234 45.39 -6.91 -16.17
C HIS A 234 45.80 -5.46 -16.34
N SER A 235 45.26 -4.59 -15.48
CA SER A 235 45.53 -3.16 -15.58
C SER A 235 47.01 -2.84 -15.41
N ALA A 236 47.77 -3.71 -14.75
CA ALA A 236 49.20 -3.47 -14.61
C ALA A 236 49.95 -3.76 -15.90
N SER A 237 49.42 -4.66 -16.74
CA SER A 237 50.10 -5.05 -17.97
C SER A 237 49.47 -4.41 -19.19
N TYR A 238 48.27 -4.88 -19.56
CA TYR A 238 47.61 -4.47 -20.80
C TYR A 238 46.20 -3.95 -20.50
N PRO A 239 46.08 -2.85 -19.76
CA PRO A 239 44.74 -2.32 -19.44
C PRO A 239 43.99 -1.84 -20.66
N TRP A 240 44.69 -1.49 -21.74
CA TRP A 240 44.01 -1.05 -22.96
C TRP A 240 43.31 -2.19 -23.69
N GLU A 241 43.52 -3.44 -23.26
CA GLU A 241 42.83 -4.59 -23.83
C GLU A 241 41.51 -4.88 -23.12
N GLY A 242 41.13 -4.05 -22.15
CA GLY A 242 39.92 -4.29 -21.39
C GLY A 242 38.83 -3.26 -21.62
N LEU A 243 37.60 -3.63 -21.30
CA LEU A 243 36.46 -2.73 -21.37
C LEU A 243 35.93 -2.56 -19.95
N ASN A 244 35.99 -1.32 -19.45
CA ASN A 244 35.81 -1.06 -18.02
C ASN A 244 34.33 -0.94 -17.69
N ALA A 245 33.76 -1.99 -17.08
CA ALA A 245 32.37 -1.94 -16.65
C ALA A 245 32.17 -0.98 -15.47
N LEU A 246 33.21 -0.71 -14.70
CA LEU A 246 33.08 0.29 -13.64
C LEU A 246 32.99 1.69 -14.23
N ASP A 247 33.74 1.95 -15.31
CA ASP A 247 33.55 3.20 -16.05
C ASP A 247 32.10 3.36 -16.47
N ALA A 248 31.50 2.28 -16.98
CA ALA A 248 30.11 2.32 -17.41
C ALA A 248 29.20 2.73 -16.25
N ALA A 249 29.39 2.14 -15.08
CA ALA A 249 28.58 2.50 -13.92
C ALA A 249 28.74 3.98 -13.56
N VAL A 250 29.99 4.47 -13.57
CA VAL A 250 30.23 5.86 -13.22
C VAL A 250 29.66 6.81 -14.28
N LEU A 251 29.83 6.45 -15.56
CA LEU A 251 29.31 7.30 -16.63
C LEU A 251 27.79 7.34 -16.61
N ALA A 252 27.15 6.20 -16.30
CA ALA A 252 25.70 6.20 -16.13
C ALA A 252 25.28 7.13 -14.99
N TYR A 253 25.98 7.05 -13.86
CA TYR A 253 25.71 7.95 -12.74
C TYR A 253 25.84 9.41 -13.16
N ASN A 254 26.86 9.72 -13.98
CA ASN A 254 27.04 11.09 -14.47
C ASN A 254 25.91 11.47 -15.43
N ASN A 255 25.51 10.55 -16.31
CA ASN A 255 24.45 10.83 -17.27
C ASN A 255 23.16 11.21 -16.55
N LEU A 256 22.79 10.42 -15.54
CA LEU A 256 21.57 10.70 -14.80
C LEU A 256 21.71 11.97 -13.97
N SER A 257 22.89 12.21 -13.39
CA SER A 257 23.07 13.35 -12.49
C SER A 257 22.82 14.68 -13.22
N VAL A 258 23.44 14.86 -14.39
CA VAL A 258 23.19 16.10 -15.12
C VAL A 258 21.77 16.16 -15.62
N PHE A 259 21.16 14.99 -15.88
CA PHE A 259 19.77 14.94 -16.30
C PHE A 259 18.84 15.51 -15.23
N ARG A 260 19.24 15.51 -13.96
CA ARG A 260 18.36 15.98 -12.89
C ARG A 260 17.93 17.43 -13.11
N GLN A 261 18.76 18.22 -13.79
CA GLN A 261 18.40 19.63 -14.03
C GLN A 261 17.19 19.74 -14.95
N GLN A 262 17.02 18.79 -15.86
CA GLN A 262 15.90 18.82 -16.80
C GLN A 262 14.78 17.88 -16.39
N MET A 263 14.79 17.38 -15.16
CA MET A 263 13.70 16.56 -14.66
C MET A 263 12.57 17.46 -14.18
N LYS A 264 11.35 16.98 -14.35
CA LYS A 264 10.22 17.68 -13.75
C LYS A 264 10.37 17.66 -12.23
N PRO A 265 10.04 18.76 -11.54
CA PRO A 265 10.30 18.81 -10.09
C PRO A 265 9.56 17.75 -9.30
N THR A 266 8.51 17.15 -9.86
CA THR A 266 7.81 16.04 -9.20
C THR A 266 8.45 14.69 -9.47
N TRP A 267 9.51 14.63 -10.28
CA TRP A 267 10.15 13.36 -10.58
C TRP A 267 11.21 13.05 -9.54
N ARG A 268 11.49 11.76 -9.37
CA ARG A 268 12.47 11.30 -8.40
C ARG A 268 13.30 10.18 -9.02
N VAL A 269 14.61 10.23 -8.80
CA VAL A 269 15.54 9.21 -9.27
C VAL A 269 16.54 8.92 -8.15
N HIS A 270 16.65 7.67 -7.74
CA HIS A 270 17.56 7.25 -6.69
C HIS A 270 18.15 5.89 -7.05
N GLY A 271 19.45 5.75 -6.88
CA GLY A 271 20.10 4.48 -7.19
C GLY A 271 21.46 4.38 -6.55
N ILE A 272 21.95 3.14 -6.46
CA ILE A 272 23.24 2.85 -5.85
C ILE A 272 24.05 1.98 -6.80
N ILE A 273 25.34 1.89 -6.52
CA ILE A 273 26.24 1.01 -7.26
C ILE A 273 26.46 -0.22 -6.40
N LYS A 274 25.68 -1.27 -6.65
CA LYS A 274 25.77 -2.49 -5.85
C LYS A 274 27.10 -3.19 -6.05
N ASN A 275 27.61 -3.19 -7.28
CA ASN A 275 28.88 -3.82 -7.61
C ASN A 275 29.72 -2.86 -8.43
N GLY A 276 30.85 -2.43 -7.87
CA GLY A 276 31.72 -1.50 -8.56
C GLY A 276 33.14 -2.02 -8.76
N GLY A 277 33.28 -3.34 -8.85
CA GLY A 277 34.58 -3.95 -8.99
C GLY A 277 34.95 -4.79 -7.77
N VAL A 278 35.96 -5.64 -7.95
CA VAL A 278 36.44 -6.54 -6.92
C VAL A 278 37.85 -6.18 -6.46
N LYS A 279 38.82 -6.27 -7.37
CA LYS A 279 40.20 -5.94 -7.05
C LYS A 279 40.70 -4.84 -7.99
N PRO A 280 41.56 -3.95 -7.50
CA PRO A 280 42.07 -2.87 -8.36
C PRO A 280 43.05 -3.35 -9.44
N ASN A 281 43.66 -4.52 -9.28
CA ASN A 281 44.63 -5.00 -10.26
C ASN A 281 43.98 -5.58 -11.52
N ILE A 282 42.65 -5.70 -11.53
CA ILE A 282 41.93 -6.27 -12.67
C ILE A 282 40.89 -5.25 -13.10
N ILE A 283 40.95 -4.86 -14.37
CA ILE A 283 39.93 -3.98 -14.95
C ILE A 283 38.58 -4.63 -14.76
N PRO A 284 37.62 -3.95 -14.13
CA PRO A 284 36.32 -4.59 -13.85
C PRO A 284 35.59 -4.93 -15.15
N SER A 285 35.17 -6.19 -15.26
CA SER A 285 34.40 -6.65 -16.40
C SER A 285 32.92 -6.78 -16.09
N TYR A 286 32.50 -6.38 -14.89
CA TYR A 286 31.10 -6.46 -14.48
C TYR A 286 30.82 -5.36 -13.48
N SER A 287 29.65 -4.71 -13.63
CA SER A 287 29.18 -3.75 -12.65
C SER A 287 27.67 -3.84 -12.57
N GLU A 288 27.12 -3.41 -11.44
CA GLU A 288 25.70 -3.55 -11.18
C GLU A 288 25.16 -2.32 -10.47
N LEU A 289 24.10 -1.75 -11.01
CA LEU A 289 23.42 -0.60 -10.41
C LEU A 289 21.96 -0.97 -10.17
N ILE A 290 21.41 -0.46 -9.06
CA ILE A 290 20.01 -0.66 -8.73
C ILE A 290 19.37 0.71 -8.58
N TYR A 291 18.34 0.98 -9.37
CA TYR A 291 17.70 2.29 -9.40
C TYR A 291 16.18 2.13 -9.29
N TYR A 292 15.54 3.22 -8.89
CA TYR A 292 14.10 3.32 -9.00
C TYR A 292 13.73 4.73 -9.41
N PHE A 293 12.64 4.84 -10.17
CA PHE A 293 12.16 6.10 -10.71
C PHE A 293 10.72 6.33 -10.27
N ARG A 294 10.40 7.57 -9.91
CA ARG A 294 9.06 7.93 -9.47
C ARG A 294 8.57 9.17 -10.22
N ALA A 295 7.29 9.14 -10.59
CA ALA A 295 6.62 10.22 -11.30
C ALA A 295 5.15 10.18 -10.95
N PRO A 296 4.44 11.31 -11.01
CA PRO A 296 3.04 11.34 -10.54
C PRO A 296 2.07 10.59 -11.43
N SER A 297 2.40 10.36 -12.70
CA SER A 297 1.50 9.65 -13.60
C SER A 297 2.26 8.55 -14.31
N MET A 298 1.50 7.59 -14.86
CA MET A 298 2.13 6.51 -15.62
C MET A 298 2.75 7.03 -16.91
N LYS A 299 2.11 8.01 -17.55
CA LYS A 299 2.67 8.57 -18.77
C LYS A 299 3.99 9.27 -18.49
N GLU A 300 4.06 10.04 -17.40
CA GLU A 300 5.31 10.70 -17.04
C GLU A 300 6.36 9.68 -16.62
N LEU A 301 5.95 8.59 -15.97
CA LEU A 301 6.90 7.55 -15.58
C LEU A 301 7.53 6.89 -16.81
N GLN A 302 6.74 6.69 -17.86
CA GLN A 302 7.28 6.10 -19.09
C GLN A 302 8.31 7.02 -19.73
N VAL A 303 8.04 8.33 -19.72
CA VAL A 303 8.99 9.29 -20.29
C VAL A 303 10.28 9.30 -19.47
N LEU A 304 10.16 9.35 -18.15
CA LEU A 304 11.33 9.35 -17.28
C LEU A 304 12.14 8.06 -17.44
N THR A 305 11.44 6.92 -17.56
CA THR A 305 12.13 5.65 -17.70
C THR A 305 12.90 5.57 -19.02
N LYS A 306 12.30 6.07 -20.11
CA LYS A 306 13.01 6.06 -21.39
C LYS A 306 14.23 6.97 -21.34
N LYS A 307 14.10 8.16 -20.73
CA LYS A 307 15.24 9.05 -20.58
C LYS A 307 16.36 8.37 -19.80
N ALA A 308 16.00 7.66 -18.73
CA ALA A 308 17.01 6.95 -17.95
C ALA A 308 17.63 5.80 -18.75
N GLU A 309 16.82 5.12 -19.56
CA GLU A 309 17.35 4.06 -20.40
C GLU A 309 18.38 4.61 -21.39
N ASP A 310 18.13 5.81 -21.93
CA ASP A 310 19.13 6.46 -22.76
C ASP A 310 20.42 6.69 -21.99
N CYS A 311 20.31 7.09 -20.72
CA CYS A 311 21.49 7.33 -19.90
C CYS A 311 22.26 6.03 -19.67
N PHE A 312 21.55 4.95 -19.36
CA PHE A 312 22.23 3.67 -19.14
C PHE A 312 22.86 3.15 -20.41
N ARG A 313 22.15 3.24 -21.53
CA ARG A 313 22.69 2.74 -22.80
C ARG A 313 23.83 3.60 -23.29
N ALA A 314 23.79 4.91 -23.02
CA ALA A 314 24.90 5.78 -23.40
C ALA A 314 26.18 5.36 -22.69
N ALA A 315 26.08 4.97 -21.42
CA ALA A 315 27.26 4.56 -20.67
C ALA A 315 27.87 3.29 -21.26
N ALA A 316 27.03 2.39 -21.78
CA ALA A 316 27.52 1.21 -22.47
C ALA A 316 28.25 1.60 -23.75
N LEU A 317 27.65 2.49 -24.55
CA LEU A 317 28.29 2.92 -25.78
C LEU A 317 29.63 3.59 -25.52
N ALA A 318 29.68 4.48 -24.52
CA ALA A 318 30.90 5.21 -24.24
C ALA A 318 32.03 4.30 -23.74
N SER A 319 31.68 3.26 -22.99
CA SER A 319 32.67 2.37 -22.38
C SER A 319 32.91 1.10 -23.19
N GLY A 320 32.09 0.83 -24.20
CA GLY A 320 32.21 -0.39 -24.97
C GLY A 320 31.62 -1.63 -24.33
N CYS A 321 30.99 -1.50 -23.17
CA CYS A 321 30.33 -2.64 -22.56
C CYS A 321 28.97 -2.87 -23.20
N THR A 322 28.43 -4.06 -22.94
CA THR A 322 27.02 -4.34 -23.19
C THR A 322 26.25 -4.15 -21.89
N VAL A 323 24.95 -3.90 -22.02
CA VAL A 323 24.13 -3.54 -20.86
C VAL A 323 22.87 -4.38 -20.87
N GLU A 324 22.45 -4.82 -19.68
CA GLU A 324 21.18 -5.51 -19.47
C GLU A 324 20.36 -4.67 -18.50
N ILE A 325 19.25 -4.12 -18.99
CA ILE A 325 18.35 -3.30 -18.19
C ILE A 325 17.15 -4.17 -17.83
N LYS A 326 17.04 -4.55 -16.57
CA LYS A 326 15.98 -5.45 -16.09
C LYS A 326 15.05 -4.66 -15.18
N GLY A 327 13.81 -4.47 -15.62
CA GLY A 327 12.83 -3.81 -14.79
C GLY A 327 12.25 -4.72 -13.74
N GLY A 328 11.68 -4.10 -12.70
CA GLY A 328 11.09 -4.86 -11.63
C GLY A 328 9.93 -5.72 -12.11
N ALA A 329 9.56 -6.69 -11.26
CA ALA A 329 8.45 -7.57 -11.59
C ALA A 329 7.14 -6.79 -11.74
N HIS A 330 6.97 -5.72 -10.97
CA HIS A 330 5.73 -4.96 -10.98
C HIS A 330 6.03 -3.47 -10.94
N ASP A 331 5.44 -2.73 -11.88
CA ASP A 331 5.37 -1.29 -11.76
C ASP A 331 4.24 -0.91 -10.79
N PHE A 332 4.51 0.06 -9.93
CA PHE A 332 3.52 0.53 -8.96
C PHE A 332 2.82 1.77 -9.52
N TYR A 333 1.49 1.76 -9.50
CA TYR A 333 0.73 2.87 -10.05
C TYR A 333 0.55 3.95 -8.99
N ASN A 334 0.36 5.18 -9.45
CA ASN A 334 -0.07 6.25 -8.57
C ASN A 334 -1.50 5.99 -8.09
N VAL A 335 -1.84 6.56 -6.95
CA VAL A 335 -3.15 6.33 -6.35
C VAL A 335 -4.17 7.26 -7.00
N LEU A 336 -5.19 6.65 -7.60
CA LEU A 336 -6.28 7.44 -8.20
C LEU A 336 -7.21 7.97 -7.13
N PRO A 337 -7.37 9.29 -7.01
CA PRO A 337 -8.32 9.83 -6.04
C PRO A 337 -9.75 9.66 -6.49
N ASN A 338 -10.65 9.57 -5.51
CA ASN A 338 -12.09 9.53 -5.74
C ASN A 338 -12.71 10.65 -4.93
N LYS A 339 -13.24 11.66 -5.62
CA LYS A 339 -13.72 12.86 -4.96
C LYS A 339 -14.91 12.57 -4.05
N SER A 340 -15.88 11.80 -4.56
CA SER A 340 -17.09 11.51 -3.77
C SER A 340 -16.73 10.73 -2.52
N LEU A 341 -15.89 9.71 -2.65
CA LEU A 341 -15.44 8.96 -1.48
C LEU A 341 -14.60 9.84 -0.55
N TRP A 342 -13.83 10.76 -1.12
CA TRP A 342 -13.01 11.68 -0.33
C TRP A 342 -13.86 12.56 0.56
N LYS A 343 -14.88 13.22 -0.01
CA LYS A 343 -15.70 14.14 0.77
C LYS A 343 -16.48 13.39 1.85
N ALA A 344 -16.98 12.19 1.53
CA ALA A 344 -17.76 11.43 2.51
C ALA A 344 -16.90 11.04 3.70
N TYR A 345 -15.65 10.62 3.46
CA TYR A 345 -14.77 10.22 4.56
C TYR A 345 -14.41 11.40 5.43
N MET A 346 -14.16 12.57 4.83
N MET A 346 -14.17 12.57 4.82
CA MET A 346 -13.80 13.75 5.61
CA MET A 346 -13.82 13.76 5.59
C MET A 346 -14.97 14.20 6.49
C MET A 346 -14.96 14.23 6.47
N GLU A 347 -16.19 14.13 5.97
CA GLU A 347 -17.36 14.51 6.77
C GLU A 347 -17.48 13.61 7.98
N ASN A 348 -17.25 12.30 7.80
CA ASN A 348 -17.26 11.36 8.92
C ASN A 348 -16.12 11.66 9.90
N GLY A 349 -14.93 11.96 9.40
CA GLY A 349 -13.80 12.20 10.28
C GLY A 349 -13.94 13.47 11.09
N ARG A 350 -14.46 14.53 10.47
CA ARG A 350 -14.69 15.78 11.18
C ARG A 350 -15.66 15.58 12.34
N LYS A 351 -16.67 14.74 12.15
CA LYS A 351 -17.58 14.41 13.24
C LYS A 351 -16.89 13.62 14.35
N LEU A 352 -15.79 12.93 14.03
CA LEU A 352 -15.05 12.14 15.01
C LEU A 352 -13.94 12.92 15.68
N GLY A 353 -13.74 14.19 15.32
CA GLY A 353 -12.70 15.01 15.90
C GLY A 353 -11.42 15.07 15.11
N ILE A 354 -11.32 14.35 14.00
CA ILE A 354 -10.11 14.36 13.19
C ILE A 354 -9.98 15.70 12.47
N GLU A 355 -8.84 16.35 12.64
CA GLU A 355 -8.53 17.59 11.94
C GLU A 355 -7.65 17.27 10.74
N PHE A 356 -8.05 17.72 9.56
CA PHE A 356 -7.35 17.42 8.32
C PHE A 356 -6.51 18.63 7.89
N ILE A 357 -5.54 18.35 7.03
CA ILE A 357 -4.63 19.38 6.54
C ILE A 357 -5.30 20.18 5.43
N GLY A 368 5.56 9.30 -1.58
CA GLY A 368 5.90 7.89 -1.62
C GLY A 368 5.23 7.13 -2.75
N SER A 369 5.14 5.81 -2.60
CA SER A 369 4.46 4.98 -3.59
C SER A 369 4.04 3.68 -2.92
N THR A 370 2.94 3.10 -3.40
CA THR A 370 2.38 1.90 -2.81
C THR A 370 1.65 1.11 -3.89
N ASP A 371 1.51 -0.20 -3.65
CA ASP A 371 0.77 -1.04 -4.58
C ASP A 371 -0.74 -0.84 -4.48
N PHE A 372 -1.22 -0.08 -3.50
CA PHE A 372 -2.61 0.34 -3.51
C PHE A 372 -2.93 1.21 -4.71
N GLY A 373 -1.92 1.85 -5.31
CA GLY A 373 -2.15 2.60 -6.53
C GLY A 373 -2.70 1.73 -7.64
N ASN A 374 -2.15 0.52 -7.78
CA ASN A 374 -2.67 -0.42 -8.78
C ASN A 374 -4.11 -0.83 -8.45
N VAL A 375 -4.42 -0.97 -7.17
CA VAL A 375 -5.79 -1.30 -6.77
C VAL A 375 -6.73 -0.14 -7.10
N SER A 376 -6.32 1.08 -6.76
CA SER A 376 -7.17 2.25 -6.99
C SER A 376 -7.47 2.46 -8.47
N PHE A 377 -6.68 1.87 -9.36
CA PHE A 377 -6.96 1.93 -10.79
C PHE A 377 -8.06 0.97 -11.19
N VAL A 378 -8.23 -0.12 -10.46
CA VAL A 378 -9.22 -1.12 -10.81
C VAL A 378 -10.46 -1.10 -9.91
N VAL A 379 -10.35 -0.57 -8.69
CA VAL A 379 -11.50 -0.43 -7.79
C VAL A 379 -11.51 0.99 -7.22
N PRO A 380 -12.64 1.66 -7.17
CA PRO A 380 -12.72 2.93 -6.44
C PRO A 380 -12.34 2.73 -4.98
N GLY A 381 -11.30 3.44 -4.53
CA GLY A 381 -10.84 3.28 -3.17
C GLY A 381 -10.42 4.61 -2.57
N ILE A 382 -10.17 4.58 -1.27
CA ILE A 382 -9.53 5.69 -0.56
C ILE A 382 -8.44 5.13 0.35
N HIS A 383 -7.38 5.91 0.49
CA HIS A 383 -6.17 5.49 1.21
C HIS A 383 -5.75 6.61 2.16
N PRO A 384 -6.60 6.96 3.13
CA PRO A 384 -6.28 8.10 4.01
C PRO A 384 -5.09 7.81 4.91
N TYR A 385 -4.35 8.88 5.20
CA TYR A 385 -3.27 8.83 6.16
C TYR A 385 -3.73 9.48 7.45
N PHE A 386 -3.27 8.96 8.59
CA PHE A 386 -3.70 9.48 9.88
C PHE A 386 -2.51 9.57 10.83
N HIS A 387 -2.58 10.60 11.68
CA HIS A 387 -1.61 10.85 12.74
C HIS A 387 -1.84 9.90 13.91
N ILE A 388 -0.76 9.49 14.57
CA ILE A 388 -0.87 8.50 15.64
C ILE A 388 -0.26 8.99 16.95
N GLY A 389 0.00 10.29 17.06
CA GLY A 389 0.50 10.86 18.30
C GLY A 389 1.98 11.08 18.38
N SER A 390 2.70 11.00 17.26
CA SER A 390 4.15 11.11 17.26
C SER A 390 4.59 12.05 16.15
N ASN A 391 5.74 12.69 16.39
CA ASN A 391 6.38 13.53 15.38
C ASN A 391 7.35 12.76 14.51
N ALA A 392 7.60 11.49 14.83
CA ALA A 392 8.58 10.70 14.09
C ALA A 392 8.15 10.50 12.65
N LEU A 393 9.13 10.29 11.77
CA LEU A 393 8.88 10.06 10.37
C LEU A 393 8.77 8.56 10.09
N ASN A 394 7.91 8.22 9.13
CA ASN A 394 7.80 6.82 8.69
C ASN A 394 9.15 6.33 8.18
N HIS A 395 9.41 5.04 8.41
CA HIS A 395 10.63 4.35 8.01
C HIS A 395 11.84 4.78 8.85
N THR A 396 11.59 5.19 10.10
CA THR A 396 12.64 5.45 11.07
C THR A 396 12.41 4.62 12.32
N GLU A 397 13.50 4.40 13.07
CA GLU A 397 13.43 3.61 14.29
C GLU A 397 12.41 4.16 15.27
N GLN A 398 12.32 5.49 15.37
CA GLN A 398 11.38 6.08 16.32
C GLN A 398 9.93 5.86 15.91
N TYR A 399 9.66 5.63 14.62
CA TYR A 399 8.29 5.34 14.22
C TYR A 399 7.87 3.94 14.66
N THR A 400 8.80 2.98 14.68
CA THR A 400 8.51 1.68 15.25
C THR A 400 8.05 1.81 16.69
N GLU A 401 8.64 2.76 17.44
CA GLU A 401 8.21 3.01 18.81
C GLU A 401 6.79 3.53 18.87
N ALA A 402 6.46 4.52 18.02
CA ALA A 402 5.11 5.05 17.99
C ALA A 402 4.11 4.00 17.51
N ALA A 403 4.50 3.20 16.51
CA ALA A 403 3.58 2.23 15.92
C ALA A 403 3.11 1.21 16.95
N GLY A 404 3.99 0.80 17.86
CA GLY A 404 3.63 -0.12 18.91
C GLY A 404 3.16 0.53 20.19
N SER A 405 3.06 1.85 20.21
CA SER A 405 2.74 2.57 21.44
C SER A 405 1.28 2.41 21.80
N GLN A 406 1.00 2.54 23.10
CA GLN A 406 -0.38 2.62 23.55
C GLN A 406 -1.07 3.86 23.00
N GLU A 407 -0.33 4.96 22.86
CA GLU A 407 -0.92 6.21 22.35
C GLU A 407 -1.50 6.02 20.96
N ALA A 408 -0.84 5.24 20.11
CA ALA A 408 -1.29 5.07 18.73
C ALA A 408 -2.63 4.35 18.63
N GLN A 409 -3.04 3.62 19.67
CA GLN A 409 -4.27 2.84 19.60
C GLN A 409 -5.49 3.74 19.45
N PHE A 410 -5.55 4.83 20.21
CA PHE A 410 -6.68 5.75 20.13
C PHE A 410 -6.86 6.27 18.71
N TYR A 411 -5.76 6.74 18.10
CA TYR A 411 -5.84 7.29 16.75
C TYR A 411 -6.16 6.22 15.72
N THR A 412 -5.64 5.01 15.93
CA THR A 412 -5.92 3.92 15.00
C THR A 412 -7.40 3.56 15.01
N LEU A 413 -7.98 3.39 16.21
CA LEU A 413 -9.39 3.04 16.28
C LEU A 413 -10.29 4.18 15.82
N ARG A 414 -9.84 5.43 16.00
CA ARG A 414 -10.63 6.56 15.54
C ARG A 414 -10.73 6.59 14.02
N THR A 415 -9.62 6.32 13.33
CA THR A 415 -9.65 6.32 11.88
C THR A 415 -10.40 5.10 11.34
N ALA A 416 -10.30 3.96 12.03
CA ALA A 416 -11.12 2.81 11.66
C ALA A 416 -12.60 3.13 11.76
N LYS A 417 -13.00 3.93 12.77
CA LYS A 417 -14.38 4.36 12.87
C LYS A 417 -14.80 5.18 11.66
N ALA A 418 -13.91 6.09 11.23
CA ALA A 418 -14.21 6.90 10.06
C ALA A 418 -14.38 6.04 8.81
N LEU A 419 -13.49 5.06 8.63
CA LEU A 419 -13.61 4.13 7.50
C LEU A 419 -14.94 3.39 7.55
N ALA A 420 -15.26 2.78 8.69
CA ALA A 420 -16.50 2.02 8.81
C ALA A 420 -17.71 2.91 8.55
N MET A 421 -17.69 4.14 9.05
CA MET A 421 -18.82 5.04 8.87
C MET A 421 -18.95 5.42 7.40
N THR A 422 -17.82 5.53 6.70
CA THR A 422 -17.84 5.86 5.27
C THR A 422 -18.39 4.70 4.45
N ALA A 423 -18.04 3.47 4.83
CA ALA A 423 -18.64 2.31 4.19
C ALA A 423 -20.15 2.29 4.37
N LEU A 424 -20.62 2.68 5.55
CA LEU A 424 -22.07 2.77 5.76
C LEU A 424 -22.69 3.81 4.83
N ASP A 425 -21.98 4.92 4.59
CA ASP A 425 -22.46 5.91 3.63
C ASP A 425 -22.70 5.29 2.26
N VAL A 426 -21.72 4.53 1.74
CA VAL A 426 -21.86 3.94 0.42
C VAL A 426 -23.03 2.96 0.38
N ILE A 427 -23.22 2.20 1.46
CA ILE A 427 -24.29 1.20 1.49
C ILE A 427 -25.66 1.87 1.37
N PHE A 428 -25.90 2.90 2.18
CA PHE A 428 -27.23 3.48 2.30
C PHE A 428 -27.42 4.76 1.51
N LYS A 429 -26.49 5.09 0.61
CA LYS A 429 -26.61 6.25 -0.27
C LYS A 429 -26.29 5.80 -1.68
N PRO A 430 -27.28 5.27 -2.42
CA PRO A 430 -27.03 4.90 -3.82
C PRO A 430 -26.56 6.07 -4.67
N GLU A 431 -26.97 7.29 -4.33
CA GLU A 431 -26.48 8.47 -5.04
C GLU A 431 -24.98 8.62 -4.87
N LEU A 432 -24.48 8.34 -3.68
CA LEU A 432 -23.03 8.42 -3.45
C LEU A 432 -22.29 7.35 -4.26
N LEU A 433 -22.82 6.13 -4.29
CA LEU A 433 -22.21 5.08 -5.09
C LEU A 433 -22.16 5.47 -6.57
N GLU A 434 -23.20 6.16 -7.05
CA GLU A 434 -23.19 6.65 -8.42
C GLU A 434 -22.10 7.69 -8.63
N GLY A 435 -22.02 8.67 -7.73
CA GLY A 435 -20.98 9.68 -7.84
C GLY A 435 -19.58 9.10 -7.71
N ILE A 436 -19.44 8.08 -6.86
CA ILE A 436 -18.15 7.39 -6.72
C ILE A 436 -17.77 6.75 -8.05
N ARG A 437 -18.72 6.05 -8.68
CA ARG A 437 -18.44 5.39 -9.95
C ARG A 437 -18.24 6.41 -11.07
N GLU A 438 -19.02 7.49 -11.06
CA GLU A 438 -18.83 8.55 -12.05
C GLU A 438 -17.45 9.18 -11.91
N ASP A 439 -17.03 9.48 -10.66
CA ASP A 439 -15.69 10.01 -10.44
C ASP A 439 -14.62 8.99 -10.79
N PHE A 440 -14.89 7.70 -10.57
CA PHE A 440 -13.93 6.68 -10.93
C PHE A 440 -13.78 6.56 -12.44
N LYS A 441 -14.88 6.72 -13.18
CA LYS A 441 -14.82 6.64 -14.63
C LYS A 441 -14.06 7.84 -15.21
N LEU A 442 -14.43 9.06 -14.80
CA LEU A 442 -13.79 10.25 -15.34
C LEU A 442 -12.30 10.29 -15.00
N LYS A 443 -11.92 9.78 -13.83
CA LYS A 443 -10.50 9.77 -13.48
C LYS A 443 -9.72 8.75 -14.30
N LEU A 444 -10.33 7.62 -14.65
CA LEU A 444 -9.65 6.63 -15.48
C LEU A 444 -9.38 7.16 -16.87
N GLN A 445 -10.26 8.03 -17.40
CA GLN A 445 -10.02 8.64 -18.69
C GLN A 445 -8.80 9.55 -18.67
N GLU A 446 -8.72 10.41 -17.65
CA GLU A 446 -7.56 11.29 -17.51
C GLU A 446 -6.27 10.52 -17.27
N GLU A 447 -6.36 9.24 -16.90
CA GLU A 447 -5.20 8.39 -16.64
C GLU A 447 -4.33 8.96 -15.52
ZN ZN B . 6.15 1.93 4.29
ZN ZN C . 3.76 1.71 4.23
N ORN D . 10.15 2.05 -3.45
CA ORN D . 9.12 1.34 -2.70
CB ORN D . 7.98 0.87 -3.59
CG ORN D . 6.63 1.07 -2.96
CD ORN D . 6.41 0.07 -1.83
NE ORN D . 6.80 -1.29 -2.14
C ORN D . 9.66 0.11 -1.91
O ORN D . 10.20 -0.83 -2.57
OXT ORN D . 9.52 0.14 -0.66
C TRS E . -27.20 2.33 23.02
C1 TRS E . -28.31 2.79 23.98
C2 TRS E . -25.97 3.20 23.20
C3 TRS E . -27.71 2.35 21.58
N TRS E . -26.86 0.96 23.38
O1 TRS E . -29.32 1.81 24.08
O2 TRS E . -26.34 4.53 23.55
O3 TRS E . -26.67 1.98 20.67
C ACY F . 17.49 13.07 -22.20
O ACY F . 17.60 13.84 -21.23
OXT ACY F . 17.83 11.85 -22.28
CH3 ACY F . 16.88 13.67 -23.48
#